data_6GMZ
#
_entry.id   6GMZ
#
_cell.length_a   186.440
_cell.length_b   48.790
_cell.length_c   60.160
_cell.angle_alpha   90.00
_cell.angle_beta   90.00
_cell.angle_gamma   90.00
#
_symmetry.space_group_name_H-M   'P 21 21 2'
#
loop_
_entity.id
_entity.type
_entity.pdbx_description
1 polymer 'Staphylopine dehydrogenase'
2 polymer ALA-HIS-HIS-ALA
3 non-polymer 'AMMONIUM ION'
4 non-polymer 'CITRIC ACID'
5 non-polymer 'TETRAETHYLENE GLYCOL'
6 water water
#
loop_
_entity_poly.entity_id
_entity_poly.type
_entity_poly.pdbx_seq_one_letter_code
_entity_poly.pdbx_strand_id
1 'polypeptide(L)'
;(MSE)SKLL(MSE)IGTGPVAIQLANICYLKSDYEID(MSE)VGRASTSEKSKRLYQAYKKEKQFEVKIQNEAHQHLEGK
FEINRLYKDVKNVKGEYETVV(MSE)ACTADAYYDTLQQLSLETLQSVKHVILISPTFGSQ(MSE)IVEQF(MSE)SKFS
QDIEVISFSTYLGDTRIVDKEAPNHVLTTGVKKKLY(MSE)GSTHSNST(MSE)CQRISALAEQLKIQLEVVESPLHAET
RNSSLYVHPPLF(MSE)NDFSLKAIFEGTDVPVYVYKLFPEGPIT(MSE)TLIRE(MSE)RL(MSE)WKE(MSE)(MSE)
AILQAFRVPSVNLLQF(MSE)VKENYPVRPETLDEGDIEHFEILPDILQEYLLYVRYTAILIDPFSQPDENGHYFDFSAV
PFKQVYKNEQDVVQIPR(MSE)PSEDYYRTA(MSE)IQHIGK(MSE)LGIKTP(MSE)IDQFLTRYEASCQAYKD(MSE)
HQDQQLSSQFNTNLFEGDKALVTKFLEINRTLSKGELNSKLEGKPIPNPLLGLDSTRTGHHHHHH
;
A
2 'polypeptide(L)' AHHA B
#
# COMPACT_ATOMS: atom_id res chain seq x y z
N SER A 2 0.63 -21.08 18.47
CA SER A 2 1.58 -21.13 17.32
C SER A 2 1.00 -21.73 15.97
N LYS A 3 -0.23 -21.36 15.65
CA LYS A 3 -0.66 -21.33 14.22
C LYS A 3 -0.77 -19.87 13.74
N LEU A 4 -0.29 -19.63 12.51
CA LEU A 4 -0.42 -18.34 11.82
C LEU A 4 -1.24 -18.48 10.52
N LEU A 5 -2.19 -17.58 10.37
CA LEU A 5 -3.01 -17.52 9.15
C LEU A 5 -2.52 -16.30 8.37
N ILE A 7 -3.26 -14.13 5.19
CA ILE A 7 -4.26 -13.80 4.23
C ILE A 7 -3.57 -13.12 3.04
N GLY A 8 -3.62 -13.80 1.88
CA GLY A 8 -3.03 -13.30 0.60
C GLY A 8 -2.09 -14.39 0.03
N THR A 9 -1.99 -14.46 -1.29
CA THR A 9 -1.07 -15.39 -1.93
C THR A 9 -0.20 -14.72 -2.96
N GLY A 10 -0.20 -13.38 -2.95
CA GLY A 10 0.66 -12.66 -3.84
C GLY A 10 2.12 -12.70 -3.39
N PRO A 11 3.00 -12.01 -4.12
CA PRO A 11 4.42 -11.92 -3.76
C PRO A 11 4.75 -11.48 -2.34
N VAL A 12 3.97 -10.54 -1.83
CA VAL A 12 4.19 -10.02 -0.51
C VAL A 12 3.94 -11.19 0.43
N ALA A 13 2.75 -11.77 0.36
CA ALA A 13 2.47 -12.94 1.21
C ALA A 13 3.57 -14.02 1.21
N ILE A 14 4.13 -14.30 0.04
CA ILE A 14 5.14 -15.33 -0.08
C ILE A 14 6.44 -14.90 0.60
N GLN A 15 6.85 -13.66 0.41
CA GLN A 15 8.07 -13.18 1.06
C GLN A 15 7.90 -13.30 2.55
N LEU A 16 6.75 -12.84 3.03
CA LEU A 16 6.48 -12.84 4.47
C LEU A 16 6.38 -14.26 5.04
N ALA A 17 5.77 -15.11 4.27
CA ALA A 17 5.64 -16.50 4.66
C ALA A 17 7.03 -17.15 4.77
N ASN A 18 7.96 -16.83 3.87
CA ASN A 18 9.32 -17.37 3.97
C ASN A 18 10.00 -16.88 5.25
N ILE A 19 9.82 -15.60 5.58
CA ILE A 19 10.37 -15.06 6.82
C ILE A 19 9.81 -15.81 8.02
N CYS A 20 8.49 -16.01 8.09
CA CYS A 20 7.91 -16.78 9.17
C CYS A 20 8.43 -18.21 9.21
N TYR A 21 8.58 -18.82 8.05
CA TYR A 21 9.04 -20.17 7.97
C TYR A 21 10.45 -20.32 8.55
N LEU A 22 11.30 -19.36 8.23
CA LEU A 22 12.70 -19.45 8.59
C LEU A 22 12.99 -18.97 10.00
N LYS A 23 12.22 -18.01 10.46
CA LYS A 23 12.58 -17.23 11.64
C LYS A 23 11.56 -17.34 12.77
N SER A 24 10.47 -18.05 12.59
CA SER A 24 9.46 -18.18 13.66
C SER A 24 9.14 -19.63 13.92
N ASP A 25 8.39 -19.87 14.99
CA ASP A 25 7.94 -21.22 15.38
C ASP A 25 6.52 -21.53 14.92
N TYR A 26 5.89 -20.63 14.17
CA TYR A 26 4.51 -20.84 13.78
C TYR A 26 4.36 -21.93 12.70
N GLU A 27 3.29 -22.71 12.75
CA GLU A 27 2.82 -23.45 11.59
C GLU A 27 1.98 -22.48 10.74
N ILE A 28 2.31 -22.39 9.46
CA ILE A 28 1.81 -21.34 8.55
C ILE A 28 0.71 -21.92 7.66
N ASP A 29 -0.49 -21.36 7.71
CA ASP A 29 -1.49 -21.60 6.69
C ASP A 29 -1.68 -20.31 5.86
N VAL A 31 -4.09 -18.37 2.73
CA VAL A 31 -5.40 -18.31 2.14
C VAL A 31 -5.45 -17.39 0.95
N GLY A 32 -5.91 -17.94 -0.18
CA GLY A 32 -6.19 -17.17 -1.35
C GLY A 32 -7.68 -16.90 -1.52
N ARG A 33 -8.05 -16.64 -2.77
CA ARG A 33 -9.47 -16.58 -3.17
C ARG A 33 -9.64 -17.07 -4.61
N ALA A 34 -9.46 -18.38 -4.83
CA ALA A 34 -9.89 -19.00 -6.11
C ALA A 34 -11.39 -18.74 -6.44
N SER A 35 -12.26 -18.72 -5.44
CA SER A 35 -13.68 -18.40 -5.70
C SER A 35 -13.92 -17.08 -6.42
N THR A 36 -12.92 -16.19 -6.51
CA THR A 36 -13.13 -14.92 -7.20
C THR A 36 -11.87 -14.37 -7.89
N SER A 37 -10.92 -15.22 -8.30
CA SER A 37 -9.66 -14.70 -8.84
C SER A 37 -8.79 -15.69 -9.61
N GLU A 38 -8.68 -15.48 -10.92
CA GLU A 38 -7.87 -16.37 -11.76
C GLU A 38 -6.37 -16.33 -11.35
N LYS A 39 -5.91 -15.19 -10.83
CA LYS A 39 -4.57 -15.06 -10.25
C LYS A 39 -4.31 -16.05 -9.06
N SER A 40 -5.14 -15.92 -8.04
CA SER A 40 -5.27 -16.91 -6.93
C SER A 40 -5.34 -18.38 -7.32
N LYS A 41 -6.03 -18.68 -8.43
CA LYS A 41 -6.18 -20.08 -8.90
C LYS A 41 -4.90 -20.55 -9.54
N ARG A 42 -4.22 -19.70 -10.29
CA ARG A 42 -2.93 -20.13 -10.86
C ARG A 42 -1.89 -20.34 -9.76
N LEU A 43 -1.93 -19.49 -8.72
CA LEU A 43 -1.03 -19.67 -7.60
C LEU A 43 -1.34 -20.99 -6.93
N TYR A 44 -2.60 -21.23 -6.63
CA TYR A 44 -2.94 -22.50 -6.00
C TYR A 44 -2.51 -23.72 -6.83
N GLN A 45 -2.80 -23.68 -8.12
CA GLN A 45 -2.41 -24.76 -9.05
C GLN A 45 -0.90 -24.93 -9.11
N ALA A 46 -0.16 -23.83 -9.15
CA ALA A 46 1.31 -23.93 -9.17
C ALA A 46 1.87 -24.51 -7.87
N TYR A 47 1.36 -24.03 -6.74
CA TYR A 47 1.86 -24.57 -5.49
C TYR A 47 1.51 -26.07 -5.35
N LYS A 48 0.30 -26.44 -5.75
CA LYS A 48 -0.14 -27.85 -5.69
C LYS A 48 0.85 -28.76 -6.45
N LYS A 49 1.39 -28.27 -7.56
CA LYS A 49 2.25 -29.03 -8.45
C LYS A 49 3.67 -29.19 -7.89
N GLU A 50 4.33 -28.08 -7.56
CA GLU A 50 5.69 -28.13 -7.01
C GLU A 50 5.77 -28.45 -5.52
N LYS A 51 4.71 -28.19 -4.75
CA LYS A 51 4.76 -28.35 -3.29
C LYS A 51 5.83 -27.47 -2.61
N GLN A 52 6.21 -26.37 -3.27
CA GLN A 52 7.25 -25.44 -2.80
C GLN A 52 6.90 -24.01 -3.26
N PHE A 53 7.21 -23.03 -2.39
CA PHE A 53 7.31 -21.63 -2.79
C PHE A 53 8.79 -21.31 -2.84
N GLU A 54 9.16 -20.27 -3.59
CA GLU A 54 10.54 -19.80 -3.63
C GLU A 54 10.64 -18.29 -3.70
N VAL A 55 11.47 -17.74 -2.83
CA VAL A 55 11.91 -16.38 -2.94
C VAL A 55 13.36 -16.35 -3.46
N LYS A 56 13.55 -15.64 -4.57
CA LYS A 56 14.90 -15.22 -4.99
C LYS A 56 15.13 -13.76 -4.69
N ILE A 57 16.41 -13.40 -4.63
CA ILE A 57 16.83 -11.99 -4.55
C ILE A 57 17.66 -11.63 -5.76
N GLN A 58 17.77 -10.32 -5.98
CA GLN A 58 18.53 -9.71 -7.07
C GLN A 58 19.86 -9.15 -6.55
N ASN A 59 19.81 -8.56 -5.37
CA ASN A 59 20.96 -7.99 -4.69
C ASN A 59 21.27 -8.87 -3.47
N GLU A 60 22.49 -9.38 -3.43
CA GLU A 60 22.97 -10.30 -2.40
C GLU A 60 23.02 -9.67 -1.03
N ALA A 61 22.94 -8.34 -0.96
CA ALA A 61 22.64 -7.63 0.30
C ALA A 61 21.47 -8.22 1.10
N HIS A 62 20.50 -8.82 0.40
CA HIS A 62 19.26 -9.34 1.00
C HIS A 62 19.16 -10.87 1.13
N GLN A 63 20.30 -11.57 1.09
CA GLN A 63 20.42 -13.04 1.28
C GLN A 63 19.43 -13.66 2.26
N HIS A 64 19.43 -13.11 3.46
CA HIS A 64 18.56 -13.52 4.58
C HIS A 64 17.03 -13.60 4.29
N LEU A 65 16.57 -12.96 3.20
CA LEU A 65 15.17 -13.05 2.72
C LEU A 65 14.85 -14.19 1.75
N GLU A 66 15.89 -14.73 1.11
CA GLU A 66 15.75 -15.78 0.12
C GLU A 66 15.35 -17.13 0.76
N GLY A 67 14.79 -18.00 -0.08
CA GLY A 67 14.60 -19.39 0.33
C GLY A 67 13.51 -20.12 -0.42
N LYS A 68 13.66 -21.44 -0.39
CA LYS A 68 12.67 -22.37 -0.80
C LYS A 68 11.95 -22.88 0.48
N PHE A 69 10.62 -22.98 0.42
CA PHE A 69 9.87 -23.47 1.55
C PHE A 69 8.54 -24.07 1.17
N GLU A 70 7.97 -24.83 2.10
CA GLU A 70 6.62 -25.38 2.04
C GLU A 70 5.92 -24.78 3.23
N ILE A 71 4.62 -24.65 3.14
CA ILE A 71 3.80 -24.29 4.31
C ILE A 71 3.00 -25.50 4.77
N ASN A 72 2.31 -25.35 5.88
CA ASN A 72 1.44 -26.40 6.40
C ASN A 72 0.24 -26.60 5.49
N ARG A 73 -0.46 -25.54 5.16
CA ARG A 73 -1.71 -25.71 4.38
C ARG A 73 -1.97 -24.46 3.55
N LEU A 74 -2.19 -24.64 2.27
CA LEU A 74 -2.70 -23.61 1.45
C LEU A 74 -4.21 -23.85 1.26
N TYR A 75 -4.97 -22.88 1.77
CA TYR A 75 -6.40 -22.87 1.59
C TYR A 75 -6.72 -22.23 0.24
N LYS A 76 -7.72 -22.77 -0.44
CA LYS A 76 -8.11 -22.28 -1.72
C LYS A 76 -8.97 -21.03 -1.65
N ASP A 77 -9.77 -20.89 -0.61
CA ASP A 77 -10.64 -19.74 -0.43
C ASP A 77 -10.86 -19.46 1.04
N VAL A 78 -11.14 -18.21 1.35
CA VAL A 78 -11.31 -17.72 2.73
C VAL A 78 -12.31 -18.51 3.53
N LYS A 79 -13.41 -18.86 2.89
CA LYS A 79 -14.49 -19.57 3.58
C LYS A 79 -14.11 -20.97 4.02
N ASN A 80 -13.07 -21.54 3.42
CA ASN A 80 -12.57 -22.86 3.79
C ASN A 80 -11.80 -22.91 5.12
N VAL A 81 -11.40 -21.74 5.61
CA VAL A 81 -10.54 -21.66 6.78
C VAL A 81 -11.28 -22.25 7.96
N LYS A 82 -10.65 -23.14 8.71
CA LYS A 82 -11.26 -23.63 9.93
C LYS A 82 -10.21 -23.68 11.04
N GLY A 83 -10.68 -23.68 12.28
CA GLY A 83 -9.78 -23.87 13.41
C GLY A 83 -9.30 -22.55 13.93
N GLU A 84 -8.30 -22.64 14.76
CA GLU A 84 -7.84 -21.59 15.63
C GLU A 84 -6.47 -21.17 15.18
N TYR A 85 -6.26 -19.86 15.19
CA TYR A 85 -5.01 -19.21 14.82
C TYR A 85 -4.75 -18.11 15.83
N GLU A 86 -3.55 -18.09 16.38
CA GLU A 86 -3.11 -17.10 17.34
C GLU A 86 -2.88 -15.73 16.66
N THR A 87 -2.35 -15.80 15.43
CA THR A 87 -1.88 -14.63 14.71
C THR A 87 -2.42 -14.68 13.27
N VAL A 88 -2.96 -13.55 12.83
CA VAL A 88 -3.42 -13.34 11.47
C VAL A 88 -2.59 -12.26 10.86
N VAL A 89 -2.02 -12.56 9.72
CA VAL A 89 -1.26 -11.57 8.98
C VAL A 89 -2.01 -11.19 7.73
N ALA A 91 -1.74 -9.73 4.38
CA ALA A 91 -0.95 -9.31 3.25
C ALA A 91 -1.80 -9.09 2.00
N CYS A 92 -3.07 -8.74 2.17
CA CYS A 92 -3.94 -8.30 1.08
C CYS A 92 -3.97 -6.77 1.05
N THR A 93 -4.76 -6.22 0.13
CA THR A 93 -4.90 -4.77 0.02
C THR A 93 -5.88 -4.35 1.12
N ALA A 94 -5.67 -3.14 1.57
CA ALA A 94 -6.33 -2.62 2.74
C ALA A 94 -7.85 -2.62 2.55
N ASP A 95 -8.33 -2.43 1.31
CA ASP A 95 -9.79 -2.40 1.12
C ASP A 95 -10.46 -3.76 1.35
N ALA A 96 -9.68 -4.83 1.57
CA ALA A 96 -10.29 -6.17 1.69
C ALA A 96 -10.22 -6.70 3.11
N TYR A 97 -9.64 -5.93 4.00
CA TYR A 97 -9.44 -6.37 5.37
C TYR A 97 -10.78 -6.80 5.96
N TYR A 98 -11.77 -5.92 5.92
CA TYR A 98 -13.04 -6.19 6.57
C TYR A 98 -13.76 -7.34 5.87
N ASP A 99 -13.85 -7.24 4.55
CA ASP A 99 -14.57 -8.18 3.75
C ASP A 99 -14.01 -9.59 3.90
N THR A 100 -12.71 -9.67 4.17
CA THR A 100 -12.06 -10.94 4.37
C THR A 100 -12.28 -11.49 5.76
N LEU A 101 -12.12 -10.66 6.79
CA LEU A 101 -12.28 -11.16 8.16
C LEU A 101 -13.71 -11.61 8.42
N GLN A 102 -14.66 -10.86 7.86
CA GLN A 102 -16.08 -11.13 8.01
C GLN A 102 -16.49 -12.51 7.39
N GLN A 103 -15.64 -13.10 6.53
CA GLN A 103 -15.87 -14.45 5.99
C GLN A 103 -15.27 -15.59 6.85
N LEU A 104 -14.43 -15.25 7.82
CA LEU A 104 -13.89 -16.29 8.67
C LEU A 104 -15.00 -16.78 9.66
N SER A 105 -14.83 -17.99 10.18
CA SER A 105 -15.80 -18.53 11.15
C SER A 105 -15.66 -17.84 12.49
N LEU A 106 -16.72 -17.89 13.28
CA LEU A 106 -16.73 -17.42 14.69
C LEU A 106 -15.65 -18.11 15.50
N GLU A 107 -15.53 -19.43 15.37
CA GLU A 107 -14.45 -20.15 16.07
C GLU A 107 -13.03 -19.58 15.74
N THR A 108 -12.77 -19.35 14.45
CA THR A 108 -11.51 -18.77 14.04
C THR A 108 -11.38 -17.40 14.65
N LEU A 109 -12.42 -16.58 14.50
CA LEU A 109 -12.35 -15.18 14.95
C LEU A 109 -12.16 -15.03 16.47
N GLN A 110 -12.81 -15.91 17.24
CA GLN A 110 -12.60 -15.93 18.73
C GLN A 110 -11.22 -16.32 19.18
N SER A 111 -10.52 -17.12 18.38
CA SER A 111 -9.15 -17.58 18.74
C SER A 111 -8.08 -16.53 18.55
N VAL A 112 -8.33 -15.50 17.73
CA VAL A 112 -7.22 -14.62 17.26
C VAL A 112 -6.68 -13.72 18.38
N LYS A 113 -5.36 -13.65 18.56
CA LYS A 113 -4.76 -12.70 19.51
C LYS A 113 -4.17 -11.43 18.88
N HIS A 114 -3.62 -11.56 17.68
CA HIS A 114 -2.92 -10.50 17.01
C HIS A 114 -3.34 -10.49 15.53
N VAL A 115 -3.70 -9.33 15.03
CA VAL A 115 -3.81 -9.07 13.61
C VAL A 115 -2.73 -8.04 13.23
N ILE A 116 -1.91 -8.46 12.28
CA ILE A 116 -0.79 -7.71 11.79
C ILE A 116 -1.14 -7.27 10.38
N LEU A 117 -1.21 -5.94 10.20
CA LEU A 117 -1.55 -5.34 8.93
C LEU A 117 -0.31 -4.83 8.21
N ILE A 118 0.04 -5.45 7.09
CA ILE A 118 1.29 -5.19 6.36
C ILE A 118 1.27 -3.93 5.47
N SER A 119 0.18 -3.68 4.75
CA SER A 119 0.03 -2.45 3.93
C SER A 119 -1.29 -1.75 4.22
N PRO A 120 -1.49 -1.31 5.45
CA PRO A 120 -2.73 -0.66 5.82
C PRO A 120 -2.73 0.77 5.25
N THR A 121 -3.90 1.34 5.07
CA THR A 121 -4.08 2.77 4.96
C THR A 121 -4.37 3.42 6.32
N PHE A 122 -4.44 4.73 6.33
CA PHE A 122 -4.85 5.53 7.48
C PHE A 122 -6.30 5.21 7.83
N GLY A 123 -6.53 4.63 8.99
CA GLY A 123 -7.84 4.13 9.36
C GLY A 123 -8.03 2.62 9.43
N SER A 124 -6.99 1.85 9.07
CA SER A 124 -7.15 0.41 8.90
C SER A 124 -7.24 -0.25 10.26
N GLN A 125 -6.38 0.13 11.17
CA GLN A 125 -6.36 -0.46 12.52
C GLN A 125 -7.73 -0.25 13.18
N ILE A 127 -10.67 0.15 11.74
CA ILE A 127 -11.64 -0.75 11.16
C ILE A 127 -11.49 -2.16 11.76
N VAL A 128 -10.26 -2.63 11.81
CA VAL A 128 -9.95 -3.99 12.15
C VAL A 128 -10.11 -4.20 13.66
N GLU A 129 -9.57 -3.32 14.48
CA GLU A 129 -9.85 -3.37 15.93
C GLU A 129 -11.35 -3.37 16.21
N GLN A 130 -12.13 -2.48 15.60
CA GLN A 130 -13.53 -2.38 15.94
C GLN A 130 -14.26 -3.67 15.53
N PHE A 131 -13.91 -4.21 14.36
CA PHE A 131 -14.51 -5.42 13.91
C PHE A 131 -14.23 -6.58 14.85
N SER A 133 -13.25 -6.71 17.81
CA SER A 133 -13.82 -6.51 19.18
C SER A 133 -15.06 -7.30 19.54
N LYS A 134 -15.93 -7.64 18.58
CA LYS A 134 -17.10 -8.47 18.86
C LYS A 134 -16.75 -9.89 19.29
N PHE A 135 -15.51 -10.32 19.03
CA PHE A 135 -15.09 -11.70 19.16
C PHE A 135 -14.02 -11.99 20.17
N SER A 136 -13.37 -10.93 20.64
CA SER A 136 -12.11 -10.94 21.41
C SER A 136 -12.28 -9.74 22.36
N GLN A 137 -11.78 -9.81 23.59
CA GLN A 137 -11.87 -8.63 24.47
C GLN A 137 -10.64 -7.78 24.41
N ASP A 138 -9.54 -8.37 23.96
CA ASP A 138 -8.26 -7.76 24.07
C ASP A 138 -7.39 -8.00 22.79
N ILE A 139 -8.05 -8.00 21.64
CA ILE A 139 -7.34 -8.15 20.33
C ILE A 139 -6.20 -7.14 20.22
N GLU A 140 -4.99 -7.58 19.87
CA GLU A 140 -3.90 -6.69 19.58
C GLU A 140 -3.83 -6.52 18.04
N VAL A 141 -3.80 -5.26 17.58
CA VAL A 141 -3.71 -4.93 16.16
C VAL A 141 -2.41 -4.15 15.97
N ILE A 142 -1.61 -4.58 14.99
CA ILE A 142 -0.32 -3.96 14.64
C ILE A 142 -0.39 -3.47 13.19
N SER A 143 0.01 -2.21 12.98
CA SER A 143 0.07 -1.63 11.63
C SER A 143 1.55 -1.34 11.29
N PHE A 144 1.96 -1.72 10.10
CA PHE A 144 3.19 -1.17 9.54
C PHE A 144 2.85 0.00 8.65
N SER A 145 3.81 0.92 8.51
CA SER A 145 3.79 2.01 7.49
C SER A 145 3.63 1.51 6.07
N THR A 146 4.49 0.56 5.68
CA THR A 146 4.39 -0.10 4.38
C THR A 146 4.96 -1.48 4.47
N TYR A 147 4.72 -2.28 3.43
CA TYR A 147 5.46 -3.51 3.18
C TYR A 147 6.92 -3.18 3.17
N LEU A 148 7.74 -4.17 3.57
CA LEU A 148 9.20 -3.98 3.69
C LEU A 148 10.06 -3.74 2.44
N GLY A 149 9.52 -3.88 1.25
CA GLY A 149 10.37 -3.83 0.05
C GLY A 149 9.59 -3.89 -1.24
N ASP A 150 10.22 -4.46 -2.26
CA ASP A 150 9.62 -4.69 -3.55
C ASP A 150 9.80 -6.14 -3.87
N THR A 151 8.68 -6.82 -4.06
CA THR A 151 8.70 -8.20 -4.43
C THR A 151 7.77 -8.36 -5.64
N ARG A 152 8.15 -9.18 -6.60
CA ARG A 152 7.26 -9.43 -7.71
C ARG A 152 7.36 -10.84 -8.17
N ILE A 153 6.49 -11.19 -9.12
CA ILE A 153 6.58 -12.44 -9.87
C ILE A 153 7.30 -12.12 -11.23
N VAL A 154 8.41 -12.81 -11.57
CA VAL A 154 9.00 -12.64 -12.93
C VAL A 154 8.08 -13.20 -13.99
N ASP A 155 7.59 -14.40 -13.72
CA ASP A 155 6.85 -15.22 -14.67
C ASP A 155 5.43 -15.55 -14.15
N LYS A 156 4.40 -14.99 -14.80
CA LYS A 156 3.00 -15.17 -14.42
C LYS A 156 2.57 -16.62 -14.29
N GLU A 157 3.29 -17.51 -15.00
CA GLU A 157 3.01 -18.93 -15.08
C GLU A 157 3.65 -19.74 -13.94
N ALA A 158 4.57 -19.11 -13.21
CA ALA A 158 5.16 -19.68 -12.01
C ALA A 158 5.03 -18.67 -10.85
N PRO A 159 3.78 -18.33 -10.46
CA PRO A 159 3.59 -17.26 -9.47
C PRO A 159 3.93 -17.67 -8.04
N ASN A 160 4.34 -18.92 -7.83
CA ASN A 160 4.88 -19.37 -6.54
C ASN A 160 6.40 -19.09 -6.38
N HIS A 161 7.02 -18.52 -7.41
CA HIS A 161 8.42 -18.16 -7.42
C HIS A 161 8.44 -16.65 -7.51
N VAL A 162 9.03 -15.99 -6.52
CA VAL A 162 9.01 -14.53 -6.49
C VAL A 162 10.39 -14.00 -6.30
N LEU A 163 10.55 -12.71 -6.56
CA LEU A 163 11.82 -12.04 -6.59
C LEU A 163 11.65 -10.75 -5.85
N THR A 164 12.37 -10.63 -4.75
CA THR A 164 12.51 -9.41 -3.99
C THR A 164 13.70 -8.62 -4.56
N THR A 165 13.40 -7.48 -5.18
CA THR A 165 14.36 -6.61 -5.86
C THR A 165 14.88 -5.46 -5.00
N GLY A 166 14.14 -5.08 -3.96
CA GLY A 166 14.50 -3.97 -3.11
C GLY A 166 13.97 -4.12 -1.69
N VAL A 167 14.68 -3.50 -0.75
CA VAL A 167 14.29 -3.43 0.64
C VAL A 167 14.32 -1.95 1.07
N LYS A 168 13.29 -1.49 1.73
CA LYS A 168 13.23 -0.12 2.21
C LYS A 168 14.30 0.15 3.27
N LYS A 169 14.66 1.43 3.35
CA LYS A 169 15.69 1.90 4.28
C LYS A 169 15.13 1.92 5.69
N LYS A 170 13.91 2.45 5.81
CA LYS A 170 13.23 2.60 7.11
C LYS A 170 11.75 2.16 7.04
N LEU A 171 11.27 1.51 8.11
CA LEU A 171 9.85 1.19 8.27
C LEU A 171 9.41 1.62 9.65
N TYR A 172 8.11 1.86 9.79
CA TYR A 172 7.52 2.20 11.06
C TYR A 172 6.50 1.12 11.40
N GLY A 174 3.39 0.43 14.70
CA GLY A 174 2.73 0.62 15.98
C GLY A 174 1.74 -0.48 16.36
N SER A 175 1.51 -0.63 17.66
CA SER A 175 0.55 -1.61 18.16
C SER A 175 -0.45 -0.90 19.04
N THR A 176 -1.64 -1.46 19.11
CA THR A 176 -2.62 -1.09 20.10
C THR A 176 -2.11 -1.31 21.52
N HIS A 177 -1.09 -2.16 21.69
CA HIS A 177 -0.50 -2.53 22.96
C HIS A 177 0.99 -2.13 23.05
N SER A 178 1.26 -1.04 23.75
CA SER A 178 2.59 -0.50 23.91
C SER A 178 3.60 -1.51 24.34
N ASN A 179 4.70 -1.57 23.60
CA ASN A 179 5.83 -2.40 23.95
C ASN A 179 5.43 -3.84 24.30
N SER A 180 4.41 -4.34 23.61
CA SER A 180 3.93 -5.73 23.81
C SER A 180 5.05 -6.75 23.49
N THR A 181 4.87 -7.99 23.92
CA THR A 181 5.75 -9.08 23.47
C THR A 181 5.89 -9.14 21.94
N CYS A 183 5.32 -6.71 19.72
CA CYS A 183 6.21 -5.60 19.27
C CYS A 183 7.70 -5.91 19.38
N GLN A 184 8.09 -6.46 20.52
CA GLN A 184 9.49 -6.75 20.76
C GLN A 184 9.99 -7.88 19.89
N ARG A 185 9.17 -8.90 19.69
CA ARG A 185 9.54 -9.98 18.76
C ARG A 185 9.72 -9.42 17.33
N ILE A 186 8.77 -8.61 16.89
CA ILE A 186 8.87 -8.00 15.56
C ILE A 186 10.15 -7.15 15.48
N SER A 187 10.48 -6.41 16.54
CA SER A 187 11.70 -5.59 16.59
C SER A 187 12.97 -6.38 16.50
N ALA A 188 12.98 -7.52 17.17
CA ALA A 188 14.15 -8.42 17.13
C ALA A 188 14.31 -9.05 15.76
N LEU A 189 13.16 -9.41 15.15
CA LEU A 189 13.10 -9.93 13.78
C LEU A 189 13.62 -8.90 12.77
N ALA A 190 13.15 -7.67 12.86
CA ALA A 190 13.67 -6.64 11.96
C ALA A 190 15.20 -6.53 12.04
N GLU A 191 15.73 -6.59 13.25
CA GLU A 191 17.18 -6.55 13.52
C GLU A 191 17.82 -7.72 12.80
N GLN A 192 17.28 -8.92 12.97
CA GLN A 192 17.82 -10.10 12.29
C GLN A 192 17.84 -9.92 10.76
N LEU A 193 16.74 -9.37 10.22
CA LEU A 193 16.66 -9.07 8.78
C LEU A 193 17.43 -7.83 8.29
N LYS A 194 18.17 -7.16 9.17
CA LYS A 194 18.95 -5.95 8.83
C LYS A 194 18.06 -4.82 8.27
N ILE A 195 16.85 -4.69 8.82
CA ILE A 195 15.92 -3.68 8.40
C ILE A 195 15.67 -2.79 9.57
N GLN A 196 15.82 -1.51 9.36
CA GLN A 196 15.63 -0.52 10.40
C GLN A 196 14.14 -0.40 10.68
N LEU A 197 13.74 -0.45 11.95
CA LEU A 197 12.35 -0.31 12.30
C LEU A 197 12.10 0.62 13.45
N GLU A 198 11.48 1.78 13.19
CA GLU A 198 11.10 2.69 14.24
C GLU A 198 9.71 2.31 14.85
N VAL A 199 9.70 2.02 16.15
CA VAL A 199 8.46 1.72 16.84
C VAL A 199 7.88 3.07 17.24
N VAL A 200 6.62 3.28 16.92
CA VAL A 200 5.92 4.53 17.14
C VAL A 200 4.77 4.22 18.10
N GLU A 201 4.07 5.24 18.55
CA GLU A 201 3.16 5.16 19.70
C GLU A 201 1.88 4.44 19.41
N SER A 202 1.46 4.42 18.14
CA SER A 202 0.20 3.83 17.80
C SER A 202 0.18 3.36 16.35
N PRO A 203 -0.69 2.43 16.01
CA PRO A 203 -0.85 1.99 14.63
C PRO A 203 -1.17 3.13 13.66
N LEU A 204 -2.04 4.03 14.08
CA LEU A 204 -2.39 5.20 13.33
C LEU A 204 -1.15 6.05 13.04
N HIS A 205 -0.25 6.21 14.03
CA HIS A 205 1.01 6.94 13.82
C HIS A 205 1.77 6.25 12.65
N ALA A 206 1.86 4.93 12.67
CA ALA A 206 2.59 4.21 11.63
C ALA A 206 1.94 4.32 10.27
N GLU A 207 0.59 4.29 10.22
CA GLU A 207 -0.15 4.37 8.99
C GLU A 207 0.10 5.70 8.29
N THR A 208 0.47 6.75 9.03
CA THR A 208 0.65 8.07 8.45
C THR A 208 2.05 8.29 7.86
N ARG A 209 3.01 7.40 8.11
CA ARG A 209 4.37 7.48 7.59
C ARG A 209 4.50 6.78 6.23
N ASN A 210 3.50 6.94 5.41
CA ASN A 210 3.50 6.32 4.08
C ASN A 210 3.34 7.47 3.10
N SER A 211 4.39 7.72 2.35
CA SER A 211 4.39 8.85 1.43
C SER A 211 3.23 8.78 0.40
N SER A 212 2.82 7.58 0.02
CA SER A 212 1.79 7.39 -0.99
C SER A 212 0.45 7.98 -0.58
N LEU A 213 0.15 8.01 0.71
CA LEU A 213 -1.12 8.60 1.16
C LEU A 213 -1.30 10.01 0.63
N TYR A 214 -0.20 10.77 0.69
CA TYR A 214 -0.21 12.21 0.43
C TYR A 214 -0.02 12.53 -1.03
N VAL A 215 0.65 11.62 -1.75
CA VAL A 215 1.17 11.89 -3.10
C VAL A 215 0.33 11.28 -4.21
N HIS A 216 -0.13 10.04 -4.03
CA HIS A 216 -0.91 9.37 -5.10
C HIS A 216 -2.22 10.07 -5.49
N PRO A 217 -2.93 10.58 -4.51
CA PRO A 217 -4.19 11.26 -4.86
C PRO A 217 -4.06 12.46 -5.78
N PRO A 218 -3.17 13.41 -5.45
CA PRO A 218 -2.96 14.45 -6.47
C PRO A 218 -2.40 13.96 -7.79
N LEU A 219 -1.53 12.94 -7.75
CA LEU A 219 -0.89 12.48 -8.99
C LEU A 219 -1.83 11.76 -9.89
N PHE A 220 -2.78 11.02 -9.30
CA PHE A 220 -3.66 10.17 -10.10
C PHE A 220 -5.11 10.67 -10.23
N ASN A 222 -6.65 13.61 -11.05
CA ASN A 222 -6.74 14.90 -11.74
C ASN A 222 -7.17 14.60 -13.14
N ASP A 223 -7.65 15.62 -13.87
CA ASP A 223 -8.17 15.38 -15.24
C ASP A 223 -7.19 14.74 -16.21
N PHE A 224 -5.92 15.12 -16.12
CA PHE A 224 -4.89 14.61 -17.01
C PHE A 224 -4.73 13.11 -16.80
N SER A 225 -4.52 12.71 -15.55
CA SER A 225 -4.29 11.33 -15.22
C SER A 225 -5.52 10.43 -15.44
N LEU A 226 -6.68 10.88 -14.98
CA LEU A 226 -7.94 10.15 -15.12
C LEU A 226 -8.26 9.86 -16.59
N LYS A 227 -8.09 10.84 -17.49
CA LYS A 227 -8.11 10.59 -18.92
C LYS A 227 -7.14 9.52 -19.40
N ALA A 228 -5.86 9.65 -19.03
CA ALA A 228 -4.86 8.62 -19.41
C ALA A 228 -5.23 7.19 -18.97
N ILE A 229 -5.82 7.05 -17.79
CA ILE A 229 -6.19 5.72 -17.23
C ILE A 229 -7.54 5.17 -17.83
N PHE A 230 -8.52 6.04 -17.95
CA PHE A 230 -9.88 5.68 -18.38
C PHE A 230 -10.20 5.76 -19.88
N GLU A 231 -9.64 6.72 -20.57
CA GLU A 231 -9.86 6.96 -22.01
C GLU A 231 -8.64 6.65 -22.90
N GLY A 232 -7.42 6.86 -22.41
CA GLY A 232 -6.21 6.74 -23.26
C GLY A 232 -5.75 8.07 -23.89
N THR A 233 -4.59 8.06 -24.51
CA THR A 233 -3.99 9.28 -25.01
C THR A 233 -3.55 9.06 -26.46
N ASP A 234 -3.39 10.15 -27.23
CA ASP A 234 -2.83 10.06 -28.61
C ASP A 234 -1.38 9.55 -28.60
N VAL A 235 -0.58 10.02 -27.63
CA VAL A 235 0.80 9.50 -27.48
C VAL A 235 1.02 9.15 -26.02
N PRO A 236 1.93 8.19 -25.76
CA PRO A 236 2.14 7.82 -24.38
C PRO A 236 2.50 9.03 -23.50
N VAL A 237 1.92 9.10 -22.28
CA VAL A 237 2.22 10.09 -21.29
C VAL A 237 2.71 9.37 -20.06
N TYR A 238 3.29 10.14 -19.13
CA TYR A 238 4.01 9.51 -18.02
C TYR A 238 3.67 10.12 -16.69
N VAL A 239 3.53 9.26 -15.67
CA VAL A 239 3.08 9.66 -14.38
C VAL A 239 3.89 10.77 -13.77
N TYR A 240 5.22 10.69 -13.92
CA TYR A 240 6.10 11.63 -13.19
C TYR A 240 6.66 12.79 -14.00
N LYS A 241 6.21 12.95 -15.22
CA LYS A 241 6.70 13.99 -16.06
C LYS A 241 5.85 15.21 -15.95
N LEU A 242 6.44 16.32 -16.38
CA LEU A 242 5.81 17.62 -16.43
C LEU A 242 4.89 17.78 -17.66
N PHE A 243 3.80 18.54 -17.49
CA PHE A 243 2.90 18.82 -18.55
C PHE A 243 3.66 19.43 -19.73
N PRO A 244 3.46 18.95 -20.95
CA PRO A 244 2.38 18.01 -21.38
C PRO A 244 2.81 16.57 -21.43
N GLU A 245 4.03 16.28 -21.00
CA GLU A 245 4.48 14.90 -21.02
C GLU A 245 3.84 14.09 -19.88
N GLY A 246 3.39 14.79 -18.83
CA GLY A 246 2.77 14.19 -17.66
C GLY A 246 1.93 15.22 -16.90
N PRO A 247 1.43 14.86 -15.74
CA PRO A 247 0.53 15.75 -15.04
C PRO A 247 1.14 16.85 -14.19
N ILE A 248 2.45 16.84 -14.01
CA ILE A 248 3.00 17.67 -12.98
C ILE A 248 3.02 19.12 -13.41
N THR A 249 2.47 19.94 -12.53
CA THR A 249 2.12 21.28 -12.88
C THR A 249 2.09 21.94 -11.50
N THR A 251 -0.35 23.65 -10.45
CA THR A 251 -1.69 23.29 -10.04
C THR A 251 -1.69 21.96 -9.30
N LEU A 252 -0.95 20.97 -9.81
CA LEU A 252 -0.95 19.67 -9.17
C LEU A 252 -0.25 19.72 -7.85
N ILE A 253 0.85 20.46 -7.80
CA ILE A 253 1.65 20.62 -6.58
C ILE A 253 0.86 21.35 -5.50
N ARG A 254 0.12 22.38 -5.89
CA ARG A 254 -0.78 23.01 -4.93
C ARG A 254 -1.84 22.02 -4.40
N GLU A 255 -2.45 21.23 -5.29
CA GLU A 255 -3.45 20.28 -4.80
C GLU A 255 -2.82 19.31 -3.76
N ARG A 257 -0.11 20.04 -1.69
CA ARG A 257 0.05 20.75 -0.46
C ARG A 257 -1.28 20.83 0.27
N LEU A 258 -2.34 21.19 -0.44
CA LEU A 258 -3.66 21.33 0.19
C LEU A 258 -4.09 19.99 0.87
N TRP A 260 -2.14 17.56 1.78
CA TRP A 260 -1.28 17.29 2.90
C TRP A 260 -1.74 18.08 4.14
N LYS A 261 -2.11 19.35 3.98
CA LYS A 261 -2.52 20.14 5.16
C LYS A 261 -3.84 19.68 5.81
N GLU A 262 -4.84 19.33 5.00
CA GLU A 262 -6.04 18.71 5.49
C GLU A 262 -5.72 17.45 6.31
N ALA A 265 -4.21 18.57 9.68
CA ALA A 265 -5.30 18.96 10.62
C ALA A 265 -5.91 17.71 11.27
N ILE A 266 -6.27 16.71 10.47
CA ILE A 266 -6.74 15.43 10.99
C ILE A 266 -5.76 14.83 11.99
N LEU A 267 -4.46 14.80 11.66
CA LEU A 267 -3.46 14.29 12.58
C LEU A 267 -3.29 15.09 13.90
N GLN A 268 -3.57 16.38 13.87
CA GLN A 268 -3.43 17.19 15.07
C GLN A 268 -4.55 16.82 16.06
N ALA A 269 -5.77 16.61 15.54
CA ALA A 269 -6.89 15.99 16.26
C ALA A 269 -6.53 14.69 17.00
N PHE A 270 -5.92 13.71 16.34
CA PHE A 270 -5.45 12.50 17.01
C PHE A 270 -4.18 12.69 17.78
N ARG A 271 -3.60 13.89 17.76
CA ARG A 271 -2.35 14.18 18.49
C ARG A 271 -1.19 13.32 18.04
N VAL A 272 -1.15 13.09 16.74
CA VAL A 272 -0.09 12.33 16.09
C VAL A 272 0.86 13.36 15.53
N PRO A 273 2.17 13.15 15.62
CA PRO A 273 3.03 14.20 15.03
C PRO A 273 2.81 14.43 13.53
N SER A 274 3.14 15.63 13.08
CA SER A 274 3.01 15.97 11.68
C SER A 274 4.13 15.29 10.89
N VAL A 275 3.95 15.22 9.57
CA VAL A 275 4.84 14.56 8.64
C VAL A 275 5.47 15.62 7.78
N ASN A 276 6.80 15.67 7.81
CA ASN A 276 7.56 16.54 6.95
C ASN A 276 7.68 15.82 5.59
N LEU A 277 6.74 16.11 4.71
CA LEU A 277 6.60 15.41 3.43
C LEU A 277 7.85 15.51 2.58
N LEU A 278 8.48 16.69 2.54
CA LEU A 278 9.72 16.89 1.76
C LEU A 278 10.92 16.05 2.26
N GLN A 279 11.17 16.13 3.57
CA GLN A 279 12.22 15.33 4.22
C GLN A 279 12.04 13.87 3.94
N PHE A 280 10.83 13.40 4.13
CA PHE A 280 10.48 12.01 3.77
C PHE A 280 10.84 11.65 2.33
N VAL A 282 12.86 13.03 0.31
CA VAL A 282 14.25 13.27 -0.08
C VAL A 282 15.28 12.46 0.72
N LYS A 283 14.99 12.16 1.98
CA LYS A 283 15.92 11.44 2.88
C LYS A 283 15.55 9.97 3.05
N GLU A 284 14.29 9.64 2.87
CA GLU A 284 13.83 8.27 2.99
C GLU A 284 13.46 7.62 1.69
N ASN A 285 13.13 8.37 0.63
CA ASN A 285 12.67 7.70 -0.59
C ASN A 285 13.71 7.72 -1.68
N TYR A 286 13.90 8.88 -2.30
CA TYR A 286 14.76 9.02 -3.44
C TYR A 286 15.61 10.27 -3.20
N PRO A 287 16.95 10.09 -3.16
CA PRO A 287 17.76 11.25 -2.77
C PRO A 287 17.90 12.19 -3.98
N VAL A 288 18.28 13.42 -3.68
CA VAL A 288 18.67 14.37 -4.68
C VAL A 288 20.10 14.89 -4.36
N ARG A 289 20.70 15.53 -5.35
CA ARG A 289 21.99 16.17 -5.21
C ARG A 289 21.91 17.30 -4.23
N PRO A 290 22.98 17.47 -3.42
CA PRO A 290 23.03 18.57 -2.40
C PRO A 290 22.76 19.93 -2.98
N GLU A 291 23.20 20.16 -4.22
CA GLU A 291 22.95 21.45 -4.88
C GLU A 291 21.49 21.78 -5.19
N THR A 292 20.61 20.77 -5.22
CA THR A 292 19.22 20.95 -5.68
C THR A 292 18.33 21.60 -4.63
N LEU A 293 18.49 21.17 -3.38
CA LEU A 293 17.71 21.65 -2.25
C LEU A 293 18.57 21.99 -1.06
N ASP A 294 18.31 23.16 -0.49
CA ASP A 294 18.96 23.62 0.72
C ASP A 294 18.55 22.75 1.92
N GLU A 295 19.55 22.32 2.67
CA GLU A 295 19.31 21.48 3.87
C GLU A 295 18.42 22.16 4.90
N GLY A 296 18.47 23.47 4.99
CA GLY A 296 17.58 24.21 5.89
C GLY A 296 16.15 24.15 5.42
N ASP A 297 15.95 24.24 4.11
CA ASP A 297 14.61 24.21 3.55
C ASP A 297 13.99 22.80 3.79
N ILE A 298 14.81 21.76 3.70
CA ILE A 298 14.31 20.40 3.92
C ILE A 298 13.88 20.23 5.39
N GLU A 299 14.81 20.55 6.29
CA GLU A 299 14.56 20.50 7.74
C GLU A 299 13.31 21.26 8.21
N HIS A 300 13.18 22.50 7.75
CA HIS A 300 12.14 23.41 8.23
C HIS A 300 10.89 23.43 7.37
N PHE A 301 10.76 22.49 6.46
CA PHE A 301 9.67 22.50 5.45
C PHE A 301 8.32 22.84 6.03
N GLU A 302 7.98 22.23 7.16
CA GLU A 302 6.65 22.35 7.74
C GLU A 302 6.25 23.75 8.16
N ILE A 303 7.23 24.60 8.48
CA ILE A 303 6.92 25.98 8.91
C ILE A 303 7.23 27.05 7.85
N LEU A 304 7.64 26.63 6.66
CA LEU A 304 7.90 27.57 5.59
C LEU A 304 6.59 28.06 4.98
N PRO A 305 6.59 29.27 4.39
CA PRO A 305 5.40 29.79 3.74
C PRO A 305 4.87 28.87 2.66
N ASP A 306 3.53 28.89 2.48
CA ASP A 306 2.83 28.01 1.56
C ASP A 306 3.48 27.95 0.16
N ILE A 307 3.76 29.12 -0.43
CA ILE A 307 4.25 29.22 -1.79
C ILE A 307 5.62 28.57 -1.82
N LEU A 308 6.41 28.75 -0.75
CA LEU A 308 7.70 28.11 -0.71
C LEU A 308 7.65 26.60 -0.56
N GLN A 309 6.70 26.08 0.22
CA GLN A 309 6.50 24.62 0.31
C GLN A 309 6.20 24.03 -1.07
N GLU A 310 5.35 24.71 -1.83
CA GLU A 310 5.00 24.26 -3.18
C GLU A 310 6.22 24.30 -4.12
N TYR A 311 7.00 25.37 -4.06
CA TYR A 311 8.15 25.54 -4.93
C TYR A 311 9.12 24.35 -4.71
N LEU A 312 9.34 24.01 -3.43
CA LEU A 312 10.23 22.95 -3.05
C LEU A 312 9.76 21.56 -3.50
N LEU A 313 8.46 21.33 -3.41
CA LEU A 313 7.84 20.10 -3.96
C LEU A 313 8.00 20.05 -5.47
N TYR A 314 7.73 21.15 -6.14
CA TYR A 314 7.86 21.13 -7.60
C TYR A 314 9.30 20.81 -7.93
N VAL A 315 10.22 21.56 -7.32
CA VAL A 315 11.65 21.37 -7.53
C VAL A 315 12.08 19.93 -7.28
N ARG A 316 11.63 19.36 -6.17
CA ARG A 316 11.85 17.93 -5.94
C ARG A 316 11.44 17.05 -7.09
N TYR A 317 10.23 17.24 -7.57
CA TYR A 317 9.79 16.38 -8.67
C TYR A 317 10.62 16.57 -9.90
N THR A 318 11.10 17.78 -10.12
CA THR A 318 11.86 18.05 -11.35
C THR A 318 13.25 17.42 -11.27
N ALA A 319 13.76 17.32 -10.05
CA ALA A 319 15.08 16.82 -9.81
C ALA A 319 15.15 15.33 -10.01
N ILE A 320 14.02 14.64 -9.90
CA ILE A 320 13.97 13.21 -10.21
C ILE A 320 13.32 12.89 -11.56
N LEU A 321 13.26 13.88 -12.45
CA LEU A 321 12.94 13.56 -13.84
C LEU A 321 13.89 12.51 -14.38
N ILE A 322 15.15 12.69 -14.06
CA ILE A 322 16.17 11.63 -14.24
C ILE A 322 16.59 11.09 -12.86
N ASP A 323 17.38 10.02 -12.88
CA ASP A 323 18.06 9.57 -11.68
C ASP A 323 19.38 10.33 -11.69
N PRO A 324 19.50 11.38 -10.87
CA PRO A 324 20.74 12.07 -10.86
C PRO A 324 21.96 11.30 -10.28
N PHE A 325 21.78 10.07 -9.75
CA PHE A 325 22.88 9.30 -9.25
C PHE A 325 23.24 8.17 -10.15
N SER A 326 22.57 8.09 -11.31
CA SER A 326 22.89 7.11 -12.34
C SER A 326 24.11 7.56 -13.12
N GLN A 327 24.72 6.64 -13.87
CA GLN A 327 25.88 6.96 -14.71
C GLN A 327 25.46 7.65 -15.97
N PRO A 328 25.87 8.90 -16.18
CA PRO A 328 25.47 9.55 -17.44
C PRO A 328 26.19 8.91 -18.57
N ASP A 329 25.57 8.84 -19.74
CA ASP A 329 26.21 8.26 -20.95
C ASP A 329 27.10 9.32 -21.56
N GLU A 330 27.69 9.01 -22.71
CA GLU A 330 28.70 9.91 -23.32
C GLU A 330 28.13 11.21 -23.93
N ASN A 331 26.81 11.31 -24.11
CA ASN A 331 26.16 12.58 -24.45
C ASN A 331 25.64 13.35 -23.22
N GLY A 332 25.97 12.90 -22.01
CA GLY A 332 25.54 13.58 -20.77
C GLY A 332 24.11 13.26 -20.36
N HIS A 333 23.55 12.13 -20.85
CA HIS A 333 22.17 11.81 -20.60
C HIS A 333 22.13 10.74 -19.51
N TYR A 334 21.22 10.95 -18.55
CA TYR A 334 21.03 10.07 -17.41
C TYR A 334 19.83 9.09 -17.63
N PHE A 335 19.64 8.15 -16.70
CA PHE A 335 18.54 7.22 -16.81
C PHE A 335 17.19 7.99 -16.66
N ASP A 336 16.26 7.74 -17.59
CA ASP A 336 14.89 8.34 -17.62
C ASP A 336 13.95 7.72 -16.55
N PHE A 337 14.20 8.13 -15.33
CA PHE A 337 13.61 7.59 -14.16
C PHE A 337 12.08 7.90 -14.07
N SER A 338 11.67 9.01 -14.67
CA SER A 338 10.28 9.45 -14.63
C SER A 338 9.40 8.84 -15.77
N ALA A 339 9.99 8.07 -16.68
CA ALA A 339 9.21 7.48 -17.78
C ALA A 339 8.36 6.27 -17.32
N VAL A 340 7.48 6.51 -16.36
CA VAL A 340 6.61 5.47 -15.87
C VAL A 340 5.23 5.65 -16.55
N PRO A 341 4.84 4.74 -17.44
CA PRO A 341 3.49 4.84 -18.03
C PRO A 341 2.31 4.69 -17.00
N PHE A 342 1.20 5.35 -17.27
CA PHE A 342 -0.06 5.04 -16.58
C PHE A 342 -0.58 3.67 -17.04
N LYS A 343 -0.96 2.80 -16.11
CA LYS A 343 -1.71 1.56 -16.43
C LYS A 343 -3.15 2.02 -16.71
N GLN A 344 -3.68 1.53 -17.82
CA GLN A 344 -5.03 1.82 -18.27
C GLN A 344 -6.01 0.78 -17.73
N VAL A 345 -7.32 1.13 -17.78
CA VAL A 345 -8.39 0.14 -17.51
C VAL A 345 -8.22 -0.99 -18.49
N TYR A 346 -8.55 -2.20 -18.04
CA TYR A 346 -8.23 -3.41 -18.83
C TYR A 346 -9.22 -4.52 -18.51
N LYS A 347 -9.44 -5.39 -19.47
CA LYS A 347 -10.30 -6.57 -19.36
C LYS A 347 -9.52 -7.72 -18.79
N ASN A 348 -10.06 -8.31 -17.73
CA ASN A 348 -9.50 -9.53 -17.21
C ASN A 348 -9.78 -10.65 -18.20
N GLU A 349 -9.42 -11.86 -17.83
CA GLU A 349 -9.44 -12.98 -18.77
C GLU A 349 -10.87 -13.51 -18.94
N GLN A 350 -11.76 -13.15 -18.01
CA GLN A 350 -13.21 -13.30 -18.18
C GLN A 350 -13.92 -12.07 -18.81
N ASP A 351 -13.19 -11.22 -19.56
CA ASP A 351 -13.76 -9.97 -20.14
C ASP A 351 -14.44 -8.96 -19.21
N VAL A 352 -14.05 -8.91 -17.93
CA VAL A 352 -14.56 -7.90 -17.00
C VAL A 352 -13.54 -6.77 -16.91
N VAL A 353 -14.00 -5.54 -17.14
CA VAL A 353 -13.17 -4.37 -17.07
C VAL A 353 -12.72 -4.11 -15.64
N GLN A 354 -11.40 -3.96 -15.46
CA GLN A 354 -10.85 -3.61 -14.13
C GLN A 354 -10.29 -2.19 -14.15
N ILE A 355 -10.36 -1.52 -13.03
CA ILE A 355 -9.59 -0.30 -12.83
C ILE A 355 -8.25 -0.70 -12.19
N PRO A 356 -7.11 -0.25 -12.72
CA PRO A 356 -5.81 -0.62 -12.10
C PRO A 356 -5.66 -0.13 -10.67
N ARG A 357 -4.77 -0.76 -9.92
CA ARG A 357 -4.40 -0.35 -8.53
C ARG A 357 -4.28 1.16 -8.33
N PRO A 359 -5.81 4.27 -9.89
CA PRO A 359 -6.06 4.81 -8.59
C PRO A 359 -7.14 4.08 -7.77
N SER A 360 -7.51 2.84 -8.14
CA SER A 360 -8.48 2.02 -7.40
C SER A 360 -8.30 2.17 -5.90
N GLU A 361 -7.05 1.99 -5.48
CA GLU A 361 -6.76 1.75 -4.10
C GLU A 361 -6.67 3.08 -3.39
N ASP A 362 -6.34 4.14 -4.14
CA ASP A 362 -6.28 5.48 -3.59
C ASP A 362 -7.70 6.06 -3.38
N TYR A 363 -8.69 5.56 -4.13
CA TYR A 363 -10.08 5.91 -3.94
C TYR A 363 -10.51 5.41 -2.56
N TYR A 364 -10.19 4.15 -2.23
CA TYR A 364 -10.46 3.63 -0.90
C TYR A 364 -9.75 4.47 0.16
N ARG A 365 -8.45 4.68 -0.01
CA ARG A 365 -7.69 5.44 1.05
C ARG A 365 -8.28 6.79 1.28
N THR A 366 -8.61 7.45 0.17
CA THR A 366 -9.05 8.82 0.24
C THR A 366 -10.48 8.87 0.78
N ALA A 367 -11.32 7.91 0.35
CA ALA A 367 -12.67 7.76 0.91
C ALA A 367 -12.67 7.58 2.44
N ILE A 369 -10.17 8.61 4.45
CA ILE A 369 -9.70 9.89 5.01
C ILE A 369 -10.88 10.89 5.06
N GLN A 370 -11.62 10.98 3.95
CA GLN A 370 -12.83 11.81 3.91
C GLN A 370 -13.79 11.49 5.07
N HIS A 371 -14.12 10.20 5.24
CA HIS A 371 -15.01 9.76 6.33
C HIS A 371 -14.48 10.08 7.78
N ILE A 372 -13.18 9.89 8.05
CA ILE A 372 -12.63 10.30 9.34
C ILE A 372 -12.91 11.80 9.52
N GLY A 373 -12.61 12.55 8.47
CA GLY A 373 -12.74 13.97 8.45
C GLY A 373 -14.10 14.46 8.84
N LYS A 374 -15.16 13.92 8.24
CA LYS A 374 -16.55 14.26 8.60
C LYS A 374 -16.82 14.03 10.07
N LEU A 376 -14.78 13.86 12.52
CA LEU A 376 -14.07 14.77 13.41
C LEU A 376 -14.47 16.26 13.26
N GLY A 377 -15.42 16.54 12.36
CA GLY A 377 -15.71 17.90 11.94
C GLY A 377 -14.55 18.71 11.31
N ILE A 378 -13.59 18.04 10.66
CA ILE A 378 -12.54 18.72 9.90
C ILE A 378 -12.99 18.84 8.42
N LYS A 379 -12.88 20.03 7.83
CA LYS A 379 -13.18 20.22 6.40
C LYS A 379 -12.05 19.62 5.55
N THR A 380 -12.44 19.02 4.43
CA THR A 380 -11.51 18.43 3.47
C THR A 380 -11.93 18.73 2.03
N PRO A 381 -11.95 20.02 1.67
CA PRO A 381 -12.45 20.32 0.32
C PRO A 381 -11.59 19.73 -0.82
N ILE A 383 -9.66 16.84 -0.68
CA ILE A 383 -10.03 15.43 -0.69
C ILE A 383 -11.32 15.23 -1.45
N ASP A 384 -12.35 16.02 -1.12
CA ASP A 384 -13.71 15.85 -1.66
C ASP A 384 -13.63 15.90 -3.18
N GLN A 385 -12.86 16.87 -3.65
CA GLN A 385 -12.76 17.11 -5.09
C GLN A 385 -12.07 15.93 -5.75
N PHE A 386 -11.03 15.42 -5.12
CA PHE A 386 -10.39 14.20 -5.65
C PHE A 386 -11.33 13.05 -5.88
N LEU A 387 -12.17 12.83 -4.88
CA LEU A 387 -13.15 11.75 -4.93
C LEU A 387 -14.23 12.00 -6.00
N THR A 388 -14.72 13.23 -6.05
CA THR A 388 -15.68 13.66 -7.09
C THR A 388 -15.15 13.41 -8.50
N ARG A 389 -13.86 13.72 -8.70
CA ARG A 389 -13.29 13.50 -10.01
C ARG A 389 -13.27 12.03 -10.37
N TYR A 390 -12.85 11.24 -9.41
CA TYR A 390 -12.77 9.78 -9.63
C TYR A 390 -14.16 9.18 -9.91
N GLU A 391 -15.15 9.66 -9.16
CA GLU A 391 -16.54 9.19 -9.37
C GLU A 391 -17.05 9.57 -10.71
N ALA A 392 -16.74 10.81 -11.13
CA ALA A 392 -17.06 11.24 -12.49
C ALA A 392 -16.48 10.37 -13.57
N SER A 393 -15.23 9.96 -13.39
CA SER A 393 -14.58 9.20 -14.44
C SER A 393 -15.18 7.81 -14.54
N CYS A 394 -15.56 7.23 -13.40
CA CYS A 394 -16.20 5.94 -13.31
C CYS A 394 -17.62 6.00 -14.02
N GLN A 395 -18.42 6.98 -13.67
CA GLN A 395 -19.71 7.20 -14.27
C GLN A 395 -19.57 7.46 -15.75
N ALA A 396 -18.54 8.21 -16.16
CA ALA A 396 -18.38 8.51 -17.58
C ALA A 396 -18.04 7.22 -18.34
N TYR A 397 -17.25 6.34 -17.71
CA TYR A 397 -16.89 5.07 -18.33
C TYR A 397 -18.12 4.15 -18.54
N LYS A 398 -18.96 4.03 -17.52
CA LYS A 398 -20.22 3.26 -17.57
C LYS A 398 -21.14 3.77 -18.70
N ASP A 399 -21.32 5.10 -18.78
CA ASP A 399 -22.15 5.70 -19.85
C ASP A 399 -21.55 5.39 -21.19
N HIS A 401 -19.52 2.83 -22.03
CA HIS A 401 -19.14 1.45 -22.32
C HIS A 401 -20.21 0.45 -21.83
N GLN A 402 -21.42 0.80 -22.21
CA GLN A 402 -22.60 0.05 -21.86
C GLN A 402 -22.56 -1.39 -22.41
N ASP A 403 -21.92 -1.64 -23.55
CA ASP A 403 -21.70 -3.05 -24.03
C ASP A 403 -20.61 -3.88 -23.28
N GLN A 404 -20.09 -3.37 -22.15
CA GLN A 404 -18.94 -3.95 -21.48
C GLN A 404 -19.40 -4.32 -20.07
N GLN A 405 -18.84 -5.43 -19.63
CA GLN A 405 -19.05 -5.99 -18.31
C GLN A 405 -18.00 -5.30 -17.41
N LEU A 406 -18.38 -4.80 -16.24
CA LEU A 406 -17.53 -3.92 -15.44
C LEU A 406 -17.45 -4.47 -14.06
N SER A 407 -16.34 -4.25 -13.37
CA SER A 407 -16.12 -4.86 -12.07
C SER A 407 -16.89 -4.05 -11.05
N SER A 408 -16.98 -4.58 -9.85
CA SER A 408 -17.63 -3.86 -8.79
C SER A 408 -16.92 -2.56 -8.42
N GLN A 409 -15.63 -2.42 -8.79
CA GLN A 409 -14.91 -1.17 -8.59
C GLN A 409 -15.59 0.08 -9.19
N PHE A 410 -16.42 -0.08 -10.22
CA PHE A 410 -17.14 1.07 -10.83
C PHE A 410 -18.40 1.59 -10.08
N ASN A 411 -18.85 0.81 -9.09
CA ASN A 411 -20.03 1.09 -8.30
C ASN A 411 -19.84 2.21 -7.27
N THR A 412 -20.96 2.73 -6.79
CA THR A 412 -21.01 3.51 -5.57
C THR A 412 -21.86 2.73 -4.57
N ASN A 413 -22.08 3.25 -3.37
CA ASN A 413 -20.99 3.80 -2.58
C ASN A 413 -20.47 2.52 -1.87
N LEU A 414 -19.18 2.28 -2.09
CA LEU A 414 -18.55 1.07 -1.68
C LEU A 414 -18.16 1.38 -0.27
N PHE A 415 -17.66 0.37 0.42
CA PHE A 415 -17.03 0.57 1.71
C PHE A 415 -17.99 0.99 2.86
N GLU A 416 -19.27 0.63 2.73
CA GLU A 416 -20.27 0.97 3.80
C GLU A 416 -19.93 0.33 5.14
N GLY A 417 -19.57 -0.95 5.09
CA GLY A 417 -19.19 -1.65 6.30
C GLY A 417 -18.01 -1.00 6.96
N ASP A 418 -17.01 -0.62 6.13
CA ASP A 418 -15.76 -0.05 6.63
C ASP A 418 -16.07 1.28 7.30
N LYS A 419 -16.87 2.10 6.61
CA LYS A 419 -17.28 3.42 7.11
C LYS A 419 -18.03 3.28 8.44
N ALA A 420 -18.98 2.33 8.52
CA ALA A 420 -19.77 2.12 9.79
C ALA A 420 -18.86 1.79 10.95
N LEU A 421 -17.87 0.92 10.69
CA LEU A 421 -16.94 0.58 11.75
C LEU A 421 -16.10 1.72 12.23
N VAL A 422 -15.65 2.59 11.32
CA VAL A 422 -14.86 3.76 11.73
C VAL A 422 -15.73 4.75 12.55
N THR A 423 -16.96 4.94 12.09
CA THR A 423 -17.98 5.74 12.79
C THR A 423 -18.14 5.24 14.21
N LYS A 424 -18.32 3.94 14.34
CA LYS A 424 -18.51 3.33 15.66
C LYS A 424 -17.27 3.52 16.51
N PHE A 425 -16.09 3.27 15.91
CA PHE A 425 -14.83 3.36 16.68
C PHE A 425 -14.60 4.77 17.22
N LEU A 426 -14.90 5.77 16.40
CA LEU A 426 -14.77 7.19 16.83
C LEU A 426 -15.82 7.71 17.85
N GLU A 427 -17.06 7.20 17.84
CA GLU A 427 -18.02 7.41 18.98
C GLU A 427 -17.47 6.92 20.33
N ILE A 428 -16.81 5.75 20.32
CA ILE A 428 -16.26 5.09 21.52
C ILE A 428 -14.85 5.58 21.95
N ASN A 429 -13.97 5.91 20.98
CA ASN A 429 -12.51 6.24 21.21
C ASN A 429 -11.69 5.01 21.68
N ALA B 1 13.78 -0.65 -11.56
CA ALA B 1 14.72 0.47 -11.90
C ALA B 1 14.01 1.85 -11.78
N HIS B 2 12.76 1.97 -12.29
CA HIS B 2 12.06 3.29 -12.36
C HIS B 2 11.47 3.74 -11.03
N HIS B 3 11.00 4.99 -10.99
CA HIS B 3 10.18 5.54 -9.88
C HIS B 3 9.01 4.58 -9.52
N ALA B 4 8.85 4.27 -8.25
CA ALA B 4 7.84 3.32 -7.81
C ALA B 4 6.77 4.04 -6.99
#